data_2WIB
#
_entry.id   2WIB
#
_cell.length_a   86.552
_cell.length_b   184.688
_cell.length_c   38.168
_cell.angle_alpha   90.00
_cell.angle_beta   90.00
_cell.angle_gamma   90.00
#
_symmetry.space_group_name_H-M   'P 21 21 2'
#
loop_
_entity.id
_entity.type
_entity.pdbx_description
1 polymer 'FERROUS IRON TRANSPORT PROTEIN B'
2 non-polymer "GUANOSINE-5'-DIPHOSPHATE"
3 water water
#
_entity_poly.entity_id   1
_entity_poly.type   'polypeptide(L)'
_entity_poly.pdbx_seq_one_letter_code
;MQKLTVGLIGNPNSGKTTLFNQLTGARQRVGNWAGVTVERKEGIFATTDHQVTLVDLPGTYSLTTISSQTSLDEQIACHY
ILSGDADMLINVVDASNLERNLYLTLQLLELGIPCVVALNMLDIAEKQQVRIDIDALAARLGCPVIPLVSTRGRGIEALK
IALDRHQANSDLELVHYPQPLLREADLLAQQMSAQIPPRQRRWLGLQMLEGDIYSRAYAGDAADKLDIALANLSDEIDDP
ALHIADARYQTIAAICDAVSNTLTAEP
;
_entity_poly.pdbx_strand_id   A,B
#
# COMPACT_ATOMS: atom_id res chain seq x y z
N MET A 1 12.25 22.29 -28.37
CA MET A 1 12.57 21.15 -27.41
C MET A 1 13.93 21.33 -26.77
N GLN A 2 13.89 21.74 -25.51
CA GLN A 2 15.04 21.88 -24.63
C GLN A 2 15.26 20.61 -23.85
N LYS A 3 16.53 20.30 -23.65
CA LYS A 3 16.99 19.15 -22.87
C LYS A 3 16.72 19.61 -21.38
N LEU A 4 16.32 18.70 -20.47
CA LEU A 4 16.13 19.15 -19.14
C LEU A 4 16.50 17.99 -18.26
N THR A 5 17.28 18.27 -17.22
CA THR A 5 17.74 17.27 -16.29
C THR A 5 16.93 17.35 -15.00
N VAL A 6 16.16 16.33 -14.70
CA VAL A 6 15.42 16.15 -13.45
C VAL A 6 15.95 15.03 -12.40
N GLY A 7 15.96 15.33 -11.13
CA GLY A 7 16.37 14.35 -10.14
C GLY A 7 15.10 13.76 -9.58
N LEU A 8 15.11 12.46 -9.29
CA LEU A 8 13.93 11.80 -8.72
C LEU A 8 14.21 11.47 -7.24
N ILE A 9 13.45 12.13 -6.33
CA ILE A 9 13.82 11.90 -4.89
C ILE A 9 12.70 11.57 -3.94
N GLY A 10 13.02 10.91 -2.82
CA GLY A 10 11.96 10.31 -1.97
C GLY A 10 12.49 9.44 -0.79
N ASN A 11 11.65 9.36 0.24
CA ASN A 11 11.92 8.43 1.18
C ASN A 11 12.00 7.05 0.56
N PRO A 12 12.80 6.13 1.18
CA PRO A 12 12.68 4.70 0.74
C PRO A 12 11.21 4.26 0.85
N ASN A 13 10.71 3.46 -0.10
CA ASN A 13 9.41 2.87 -0.07
C ASN A 13 8.24 3.83 -0.37
N SER A 14 8.52 4.84 -1.21
CA SER A 14 7.55 5.82 -1.55
C SER A 14 7.04 5.52 -2.93
N GLY A 15 7.62 4.47 -3.52
CA GLY A 15 7.12 3.95 -4.76
C GLY A 15 8.02 4.60 -5.82
N LYS A 16 9.20 5.08 -5.45
CA LYS A 16 10.12 5.66 -6.51
C LYS A 16 10.54 4.81 -7.69
N THR A 17 10.70 3.54 -7.53
CA THR A 17 11.12 2.76 -8.70
C THR A 17 9.95 2.63 -9.59
N THR A 18 8.82 2.33 -8.98
CA THR A 18 7.62 2.12 -9.81
C THR A 18 7.49 3.27 -10.81
N LEU A 19 7.72 4.44 -10.25
CA LEU A 19 7.52 5.74 -10.94
C LEU A 19 8.55 5.95 -12.02
N PHE A 20 9.83 5.88 -11.64
CA PHE A 20 10.95 5.71 -12.58
C PHE A 20 10.58 4.80 -13.80
N ASN A 21 10.03 3.60 -13.54
CA ASN A 21 9.67 2.80 -14.69
C ASN A 21 8.49 3.28 -15.41
N GLN A 22 7.47 3.83 -14.73
CA GLN A 22 6.41 4.36 -15.51
C GLN A 22 7.02 5.48 -16.33
N LEU A 23 7.91 6.35 -15.78
CA LEU A 23 8.28 7.44 -16.67
C LEU A 23 9.16 7.02 -17.83
N THR A 24 10.12 6.09 -17.64
CA THR A 24 11.20 5.86 -18.63
C THR A 24 11.01 4.62 -19.42
N GLY A 25 10.16 3.71 -18.96
CA GLY A 25 9.92 2.52 -19.68
C GLY A 25 11.23 1.74 -19.80
N ALA A 26 11.47 1.16 -20.99
CA ALA A 26 12.65 0.41 -21.23
C ALA A 26 13.83 1.27 -21.41
N ARG A 27 13.62 2.57 -21.68
CA ARG A 27 14.75 3.53 -21.92
C ARG A 27 15.45 3.98 -20.64
N GLN A 28 16.27 3.10 -20.08
CA GLN A 28 16.96 3.46 -18.83
C GLN A 28 18.20 2.68 -18.88
N ARG A 29 19.23 3.18 -18.22
CA ARG A 29 20.60 2.57 -18.24
C ARG A 29 20.90 2.34 -16.78
N VAL A 30 21.70 1.31 -16.48
CA VAL A 30 22.13 1.14 -15.11
C VAL A 30 23.65 1.39 -14.92
N GLY A 31 24.03 2.27 -13.99
CA GLY A 31 25.42 2.74 -13.83
C GLY A 31 25.78 2.82 -12.35
N ASN A 32 26.77 3.62 -11.94
CA ASN A 32 27.00 3.71 -10.51
C ASN A 32 27.44 5.11 -10.11
N TRP A 33 27.09 5.59 -8.92
CA TRP A 33 27.70 6.88 -8.51
C TRP A 33 29.23 6.80 -8.49
N ALA A 34 29.83 7.65 -9.31
CA ALA A 34 31.27 7.91 -9.37
C ALA A 34 32.03 7.51 -8.14
N GLY A 35 33.00 6.63 -8.34
CA GLY A 35 33.99 6.17 -7.31
C GLY A 35 33.44 5.35 -6.17
N VAL A 36 32.36 4.61 -6.40
CA VAL A 36 31.52 4.11 -5.32
C VAL A 36 30.68 2.95 -5.84
N THR A 37 29.97 2.30 -4.94
CA THR A 37 29.33 1.03 -5.22
C THR A 37 27.85 1.17 -5.59
N VAL A 38 27.26 2.27 -5.10
CA VAL A 38 25.83 2.50 -5.10
C VAL A 38 25.44 2.68 -6.55
N GLU A 39 24.36 2.03 -6.93
CA GLU A 39 23.87 2.11 -8.31
C GLU A 39 23.07 3.48 -8.55
N ARG A 40 23.32 4.05 -9.73
CA ARG A 40 22.77 5.24 -10.30
C ARG A 40 22.04 4.80 -11.56
N LYS A 41 20.73 4.80 -11.46
CA LYS A 41 19.89 4.61 -12.56
C LYS A 41 19.62 5.99 -13.17
N GLU A 42 19.41 5.97 -14.48
CA GLU A 42 19.11 7.15 -15.22
C GLU A 42 18.45 6.71 -16.46
N GLY A 43 17.51 7.54 -16.96
CA GLY A 43 16.75 7.19 -18.15
C GLY A 43 16.18 8.43 -18.81
N ILE A 44 15.27 8.29 -19.77
CA ILE A 44 14.84 9.46 -20.54
C ILE A 44 13.37 9.44 -20.92
N PHE A 45 12.78 10.61 -21.18
CA PHE A 45 11.38 10.71 -21.73
C PHE A 45 11.11 12.15 -22.09
N ALA A 46 10.01 12.31 -22.76
CA ALA A 46 9.88 13.48 -23.47
C ALA A 46 8.55 14.10 -23.04
N THR A 47 8.53 15.35 -22.61
CA THR A 47 7.22 15.90 -22.34
C THR A 47 6.88 16.74 -23.59
N THR A 48 5.79 17.51 -23.54
CA THR A 48 5.53 18.31 -24.75
C THR A 48 6.70 19.28 -25.14
N ASP A 49 7.43 19.81 -24.16
CA ASP A 49 8.53 20.76 -24.49
C ASP A 49 9.97 20.33 -24.11
N HIS A 50 10.14 19.19 -23.41
CA HIS A 50 11.52 18.92 -22.97
C HIS A 50 11.85 17.51 -23.26
N GLN A 51 13.10 17.28 -23.58
CA GLN A 51 13.57 15.88 -23.66
C GLN A 51 14.27 15.75 -22.33
N VAL A 52 13.69 14.95 -21.45
CA VAL A 52 14.21 14.88 -20.06
C VAL A 52 15.13 13.71 -19.83
N THR A 53 16.23 13.97 -19.14
CA THR A 53 17.03 12.93 -18.48
C THR A 53 16.59 12.87 -17.02
N LEU A 54 15.97 11.76 -16.62
CA LEU A 54 15.66 11.49 -15.23
C LEU A 54 16.85 10.65 -14.56
N VAL A 55 17.38 11.23 -13.46
CA VAL A 55 18.39 10.61 -12.67
C VAL A 55 17.82 10.23 -11.34
N ASP A 56 17.69 8.93 -11.14
CA ASP A 56 17.17 8.33 -9.89
C ASP A 56 18.15 8.53 -8.81
N LEU A 57 17.70 8.92 -7.62
CA LEU A 57 18.60 9.26 -6.52
C LEU A 57 18.21 8.35 -5.38
N PRO A 58 19.20 7.97 -4.53
CA PRO A 58 18.94 6.98 -3.50
C PRO A 58 17.95 7.46 -2.51
N GLY A 59 17.06 6.58 -2.06
CA GLY A 59 16.11 6.94 -1.01
C GLY A 59 16.85 7.46 0.20
N THR A 60 16.24 8.47 0.85
CA THR A 60 16.71 9.06 2.06
C THR A 60 15.50 9.69 2.78
N TYR A 61 15.50 9.79 4.10
CA TYR A 61 14.38 10.41 4.82
C TYR A 61 14.80 11.81 5.06
N SER A 62 16.10 12.08 5.01
CA SER A 62 16.51 13.43 5.38
C SER A 62 17.79 13.80 4.71
N LEU A 63 18.02 15.04 4.34
CA LEU A 63 19.33 15.24 3.74
C LEU A 63 20.47 15.36 4.79
N THR A 64 20.21 16.07 5.82
CA THR A 64 20.96 16.37 7.05
C THR A 64 21.47 15.15 7.75
N THR A 65 22.81 15.06 7.98
CA THR A 65 23.12 13.98 8.92
C THR A 65 23.53 14.70 10.22
N ILE A 66 22.92 14.34 11.31
CA ILE A 66 23.48 14.75 12.63
C ILE A 66 24.34 13.64 13.14
N SER A 67 24.94 12.84 12.21
CA SER A 67 25.17 11.46 12.68
C SER A 67 26.40 10.89 12.08
N SER A 68 26.69 9.58 12.23
CA SER A 68 28.04 9.33 11.79
C SER A 68 28.02 8.23 10.71
N GLN A 69 27.16 7.29 11.07
CA GLN A 69 26.95 5.95 10.60
C GLN A 69 25.70 5.68 9.84
N THR A 70 25.03 6.77 9.42
CA THR A 70 23.93 6.68 8.48
C THR A 70 24.12 5.71 7.35
N SER A 71 24.90 5.95 6.35
CA SER A 71 25.00 5.18 5.08
C SER A 71 25.77 6.05 4.04
N LEU A 72 26.15 5.30 2.98
CA LEU A 72 26.59 6.00 1.75
C LEU A 72 25.38 6.36 0.93
N ASP A 73 24.43 5.52 0.75
CA ASP A 73 23.17 5.70 0.03
C ASP A 73 22.57 7.07 0.40
N GLU A 74 21.94 7.08 1.56
CA GLU A 74 21.31 8.26 2.09
C GLU A 74 22.14 9.57 1.96
N GLN A 75 23.45 9.48 1.69
CA GLN A 75 24.36 10.62 1.87
C GLN A 75 24.65 11.30 0.55
N ILE A 76 24.20 10.66 -0.57
CA ILE A 76 24.58 11.01 -1.97
C ILE A 76 23.58 11.90 -2.71
N ALA A 77 22.34 11.73 -2.39
CA ALA A 77 21.39 12.62 -2.91
C ALA A 77 21.64 14.08 -2.50
N CYS A 78 22.15 14.35 -1.31
CA CYS A 78 22.45 15.74 -0.98
C CYS A 78 23.44 16.28 -1.98
N HIS A 79 24.39 15.44 -2.24
CA HIS A 79 25.58 15.88 -2.86
C HIS A 79 25.24 16.25 -4.29
N TYR A 80 24.41 15.44 -4.91
CA TYR A 80 23.92 15.65 -6.26
C TYR A 80 23.01 16.87 -6.33
N ILE A 81 22.05 16.98 -5.39
CA ILE A 81 21.11 18.05 -5.45
C ILE A 81 21.93 19.37 -5.49
N LEU A 82 22.93 19.47 -4.58
CA LEU A 82 23.72 20.70 -4.34
C LEU A 82 24.65 21.02 -5.45
N SER A 83 25.05 20.02 -6.24
CA SER A 83 25.96 20.26 -7.36
C SER A 83 25.30 21.09 -8.53
N GLY A 84 24.00 21.17 -8.52
CA GLY A 84 23.35 21.94 -9.57
C GLY A 84 23.20 21.13 -10.88
N ASP A 85 23.61 19.87 -10.99
CA ASP A 85 23.55 19.38 -12.38
C ASP A 85 22.03 19.18 -12.74
N ALA A 86 21.14 19.14 -11.74
CA ALA A 86 19.75 18.93 -11.97
C ALA A 86 19.07 20.32 -12.16
N ASP A 87 18.17 20.47 -13.15
CA ASP A 87 17.42 21.71 -13.35
C ASP A 87 16.22 21.77 -12.40
N MET A 88 15.56 20.67 -12.08
CA MET A 88 14.41 20.61 -11.16
C MET A 88 14.28 19.21 -10.52
N LEU A 89 13.49 19.05 -9.48
CA LEU A 89 13.39 17.75 -8.89
C LEU A 89 11.96 17.17 -8.94
N ILE A 90 11.82 15.84 -8.95
CA ILE A 90 10.49 15.30 -8.70
C ILE A 90 10.61 14.68 -7.35
N ASN A 91 9.73 15.18 -6.46
CA ASN A 91 9.73 14.66 -5.09
C ASN A 91 8.64 13.58 -4.89
N VAL A 92 9.00 12.31 -4.74
CA VAL A 92 7.96 11.23 -4.60
C VAL A 92 7.50 11.11 -3.14
N VAL A 93 6.23 11.39 -2.86
CA VAL A 93 5.69 11.36 -1.47
C VAL A 93 4.66 10.27 -1.39
N ASP A 94 4.76 9.52 -0.33
CA ASP A 94 3.88 8.47 0.04
C ASP A 94 2.72 9.17 0.73
N ALA A 95 1.66 9.45 0.01
CA ALA A 95 0.46 10.10 0.64
C ALA A 95 -0.01 9.40 1.91
N SER A 96 0.31 8.12 2.05
CA SER A 96 -0.20 7.47 3.22
C SER A 96 0.64 7.72 4.46
N ASN A 97 1.75 8.47 4.40
CA ASN A 97 2.60 8.84 5.52
C ASN A 97 3.16 10.25 5.35
N LEU A 98 2.20 11.21 5.25
CA LEU A 98 2.53 12.43 4.72
C LEU A 98 3.48 13.06 5.65
N GLU A 99 3.04 13.23 6.87
CA GLU A 99 3.81 14.03 7.78
C GLU A 99 5.30 13.56 7.70
N ARG A 100 5.52 12.23 7.67
CA ARG A 100 6.88 11.70 7.77
C ARG A 100 7.66 11.99 6.48
N ASN A 101 6.96 11.78 5.35
CA ASN A 101 7.58 12.09 4.06
C ASN A 101 7.90 13.60 3.85
N LEU A 102 7.17 14.50 4.53
CA LEU A 102 7.32 15.93 4.19
C LEU A 102 8.57 16.54 4.80
N TYR A 103 9.31 15.77 5.62
CA TYR A 103 10.54 16.33 6.24
C TYR A 103 11.46 16.59 5.05
N LEU A 104 11.65 15.57 4.24
CA LEU A 104 12.51 15.68 3.12
C LEU A 104 11.95 16.70 2.16
N THR A 105 10.72 16.56 1.75
CA THR A 105 10.08 17.68 0.96
C THR A 105 10.41 19.14 1.41
N LEU A 106 10.30 19.40 2.70
CA LEU A 106 10.48 20.69 3.21
C LEU A 106 11.93 21.19 3.18
N GLN A 107 12.90 20.30 3.34
CA GLN A 107 14.32 20.66 3.17
C GLN A 107 14.60 21.05 1.74
N LEU A 108 14.01 20.32 0.77
CA LEU A 108 14.21 20.69 -0.62
C LEU A 108 13.59 22.04 -0.95
N LEU A 109 12.38 22.35 -0.51
CA LEU A 109 11.84 23.72 -0.78
C LEU A 109 12.75 24.69 -0.05
N GLU A 110 13.23 24.34 1.14
CA GLU A 110 14.12 25.34 1.76
C GLU A 110 15.36 25.55 0.90
N LEU A 111 15.94 24.48 0.33
CA LEU A 111 17.06 24.68 -0.60
C LEU A 111 16.70 25.49 -1.77
N GLY A 112 15.45 25.44 -2.20
CA GLY A 112 15.00 26.31 -3.31
C GLY A 112 15.00 25.67 -4.66
N ILE A 113 15.43 24.42 -4.75
CA ILE A 113 15.42 23.77 -6.03
C ILE A 113 14.02 23.66 -6.65
N PRO A 114 13.86 24.11 -7.90
CA PRO A 114 12.52 23.88 -8.43
C PRO A 114 12.12 22.39 -8.35
N CYS A 115 10.87 22.19 -7.97
CA CYS A 115 10.36 21.06 -7.37
C CYS A 115 8.88 20.88 -7.71
N VAL A 116 8.57 19.72 -8.23
CA VAL A 116 7.20 19.20 -8.31
C VAL A 116 7.13 17.92 -7.39
N VAL A 117 6.12 17.79 -6.52
CA VAL A 117 5.84 16.66 -5.74
C VAL A 117 4.90 15.74 -6.44
N ALA A 118 5.39 14.48 -6.57
CA ALA A 118 4.57 13.30 -6.96
C ALA A 118 3.94 12.69 -5.71
N LEU A 119 2.70 13.03 -5.39
CA LEU A 119 1.95 12.47 -4.26
C LEU A 119 1.50 11.05 -4.66
N ASN A 120 2.36 10.10 -4.34
CA ASN A 120 2.16 8.71 -4.81
C ASN A 120 1.36 7.92 -3.78
N MET A 121 0.70 6.84 -4.22
CA MET A 121 0.02 5.95 -3.23
C MET A 121 -1.26 6.57 -2.72
N LEU A 122 -1.87 7.44 -3.56
CA LEU A 122 -3.21 7.91 -3.29
C LEU A 122 -4.21 6.86 -3.00
N ASP A 123 -4.20 5.71 -3.71
CA ASP A 123 -4.96 4.50 -3.25
C ASP A 123 -4.65 3.90 -1.87
N ILE A 124 -3.38 3.88 -1.46
CA ILE A 124 -3.15 3.33 -0.13
C ILE A 124 -3.81 4.34 0.84
N ALA A 125 -3.72 5.63 0.58
CA ALA A 125 -4.29 6.58 1.60
C ALA A 125 -5.80 6.56 1.71
N GLU A 126 -6.47 6.32 0.62
CA GLU A 126 -7.87 6.16 0.73
C GLU A 126 -8.25 4.90 1.54
N LYS A 127 -7.52 3.78 1.30
CA LYS A 127 -7.80 2.52 2.06
C LYS A 127 -7.69 2.68 3.55
N GLN A 128 -6.80 3.54 4.07
CA GLN A 128 -6.77 4.17 5.32
C GLN A 128 -7.55 5.40 5.63
N GLN A 129 -8.50 5.80 4.79
CA GLN A 129 -9.53 6.83 5.11
C GLN A 129 -8.81 8.13 5.33
N VAL A 130 -7.72 8.37 4.62
CA VAL A 130 -7.03 9.62 4.72
C VAL A 130 -7.33 10.43 3.50
N ARG A 131 -7.97 11.57 3.74
CA ARG A 131 -8.24 12.39 2.59
C ARG A 131 -7.30 13.61 2.67
N ILE A 132 -6.83 14.12 1.55
CA ILE A 132 -5.81 15.15 1.53
C ILE A 132 -6.35 16.20 0.58
N ASP A 133 -6.27 17.48 0.92
CA ASP A 133 -6.63 18.55 -0.04
C ASP A 133 -5.42 19.00 -0.81
N ILE A 134 -5.30 18.48 -2.00
CA ILE A 134 -4.15 18.72 -2.81
C ILE A 134 -3.84 20.17 -3.09
N ASP A 135 -4.75 20.90 -3.77
CA ASP A 135 -4.72 22.35 -3.92
C ASP A 135 -4.27 23.02 -2.65
N ALA A 136 -4.93 22.79 -1.53
CA ALA A 136 -4.38 23.30 -0.28
C ALA A 136 -2.94 22.94 0.03
N LEU A 137 -2.51 21.68 -0.24
CA LEU A 137 -1.08 21.26 0.08
C LEU A 137 -0.08 22.04 -0.79
N ALA A 138 -0.39 22.06 -2.08
CA ALA A 138 0.35 22.95 -3.03
C ALA A 138 0.36 24.39 -2.61
N ALA A 139 -0.75 24.88 -2.11
CA ALA A 139 -0.73 26.27 -1.72
C ALA A 139 0.21 26.43 -0.51
N ARG A 140 0.19 25.46 0.40
CA ARG A 140 1.17 25.54 1.54
C ARG A 140 2.68 25.20 1.15
N LEU A 141 2.98 24.22 0.25
CA LEU A 141 4.43 23.87 0.01
C LEU A 141 5.10 24.90 -0.89
N GLY A 142 4.26 25.54 -1.71
CA GLY A 142 4.69 26.41 -2.72
C GLY A 142 5.13 25.81 -4.04
N CYS A 143 4.64 24.60 -4.42
CA CYS A 143 5.17 23.95 -5.56
C CYS A 143 4.12 23.04 -6.08
N PRO A 144 4.14 22.73 -7.37
CA PRO A 144 3.05 21.87 -7.75
C PRO A 144 2.95 20.61 -6.90
N VAL A 145 1.75 20.07 -6.80
CA VAL A 145 1.65 18.77 -6.12
C VAL A 145 0.71 17.91 -6.93
N ILE A 146 1.16 16.79 -7.49
CA ILE A 146 0.40 16.09 -8.56
C ILE A 146 -0.03 14.73 -8.11
N PRO A 147 -1.33 14.39 -8.11
CA PRO A 147 -1.74 13.06 -7.55
C PRO A 147 -1.33 11.79 -8.34
N LEU A 148 -0.71 10.75 -7.72
CA LEU A 148 -0.25 9.54 -8.47
C LEU A 148 -0.72 8.20 -7.88
N VAL A 149 -1.01 7.23 -8.71
CA VAL A 149 -0.91 5.87 -8.28
C VAL A 149 -0.04 5.13 -9.26
N SER A 150 1.21 5.03 -8.87
CA SER A 150 2.28 4.59 -9.88
C SER A 150 2.10 3.21 -10.47
N THR A 151 1.48 2.37 -9.66
CA THR A 151 1.17 0.97 -10.01
C THR A 151 0.26 0.92 -11.19
N ARG A 152 -0.78 1.77 -11.12
CA ARG A 152 -1.67 1.87 -12.29
C ARG A 152 -1.17 2.79 -13.35
N GLY A 153 -0.34 3.80 -13.00
CA GLY A 153 0.18 4.60 -14.15
C GLY A 153 -0.71 5.87 -14.18
N ARG A 154 -1.47 6.05 -13.05
CA ARG A 154 -2.38 7.20 -12.94
C ARG A 154 -1.61 8.41 -12.39
N GLY A 155 -1.59 9.41 -13.29
CA GLY A 155 -1.09 10.77 -13.10
C GLY A 155 0.17 10.98 -13.91
N ILE A 156 0.63 9.97 -14.59
CA ILE A 156 1.90 10.17 -15.27
C ILE A 156 1.83 11.40 -16.25
N GLU A 157 0.75 11.54 -16.99
CA GLU A 157 0.60 12.68 -17.92
C GLU A 157 0.54 14.03 -17.23
N ALA A 158 -0.15 14.09 -16.11
CA ALA A 158 -0.25 15.41 -15.43
C ALA A 158 1.10 15.76 -14.80
N LEU A 159 1.85 14.69 -14.35
CA LEU A 159 3.17 14.88 -13.74
C LEU A 159 4.00 15.53 -14.83
N LYS A 160 3.89 15.11 -16.10
CA LYS A 160 4.70 15.70 -17.19
C LYS A 160 4.37 17.09 -17.61
N ILE A 161 3.07 17.36 -17.78
CA ILE A 161 2.69 18.74 -18.02
C ILE A 161 3.29 19.62 -16.93
N ALA A 162 3.07 19.29 -15.69
CA ALA A 162 3.62 20.00 -14.52
C ALA A 162 5.07 20.34 -14.71
N LEU A 163 5.93 19.33 -14.91
CA LEU A 163 7.28 19.58 -15.31
C LEU A 163 7.49 20.51 -16.47
N ASP A 164 6.74 20.38 -17.53
CA ASP A 164 6.81 21.40 -18.66
C ASP A 164 6.53 22.78 -18.11
N ARG A 165 5.58 22.94 -17.19
CA ARG A 165 5.22 24.28 -16.86
C ARG A 165 5.86 24.90 -15.64
N HIS A 166 6.27 24.09 -14.69
CA HIS A 166 6.76 24.73 -13.47
C HIS A 166 8.19 25.24 -13.66
N GLN A 167 8.43 26.43 -13.11
CA GLN A 167 9.69 27.15 -13.32
C GLN A 167 10.34 27.38 -12.01
N ALA A 168 9.55 27.90 -11.07
CA ALA A 168 10.13 28.34 -9.80
C ALA A 168 9.13 28.19 -8.74
N ASN A 169 9.45 27.50 -7.66
CA ASN A 169 8.58 27.38 -6.49
C ASN A 169 8.21 28.75 -5.98
N SER A 170 7.02 28.90 -5.40
CA SER A 170 6.60 30.19 -4.83
C SER A 170 7.47 30.60 -3.68
N ASP A 171 7.83 31.88 -3.61
CA ASP A 171 8.78 32.30 -2.56
C ASP A 171 8.12 32.43 -1.17
N LEU A 172 8.41 31.51 -0.24
CA LEU A 172 7.55 31.40 0.96
C LEU A 172 8.27 31.52 2.27
N GLU A 173 7.62 32.13 3.26
CA GLU A 173 8.18 32.09 4.62
C GLU A 173 7.56 30.81 5.26
N LEU A 174 8.25 29.69 5.00
CA LEU A 174 7.83 28.31 5.35
C LEU A 174 8.14 27.89 6.81
N VAL A 175 9.37 28.10 7.27
CA VAL A 175 9.68 27.68 8.58
C VAL A 175 10.06 28.86 9.34
N HIS A 176 9.46 29.04 10.53
CA HIS A 176 9.86 30.15 11.44
C HIS A 176 11.04 29.71 12.33
N TYR A 177 12.28 30.05 11.99
CA TYR A 177 13.39 29.69 12.84
C TYR A 177 13.63 30.85 13.83
N PRO A 178 14.10 30.56 15.06
CA PRO A 178 14.32 31.69 15.96
C PRO A 178 15.48 32.54 15.45
N GLN A 179 15.30 33.84 15.57
CA GLN A 179 16.14 34.86 15.05
C GLN A 179 17.64 34.69 15.23
N PRO A 180 18.05 34.37 16.43
CA PRO A 180 19.48 34.08 16.63
C PRO A 180 20.02 32.98 15.79
N LEU A 181 19.18 32.01 15.44
CA LEU A 181 19.78 30.90 14.70
C LEU A 181 20.06 31.43 13.32
N LEU A 182 19.13 32.26 12.86
CA LEU A 182 19.21 32.81 11.52
C LEU A 182 20.43 33.73 11.44
N ARG A 183 20.52 34.61 12.41
CA ARG A 183 21.55 35.61 12.46
C ARG A 183 22.90 34.87 12.26
N GLU A 184 23.17 33.79 13.01
CA GLU A 184 24.35 32.99 12.81
C GLU A 184 24.33 32.24 11.49
N ALA A 185 23.21 31.65 11.09
CA ALA A 185 23.30 30.99 9.82
C ALA A 185 23.64 31.99 8.74
N ASP A 186 23.31 33.28 8.83
CA ASP A 186 23.74 34.20 7.74
C ASP A 186 25.16 34.62 7.91
N LEU A 187 25.54 34.84 9.17
CA LEU A 187 26.97 35.06 9.44
C LEU A 187 27.73 33.96 8.72
N LEU A 188 27.39 32.72 8.99
CA LEU A 188 28.02 31.56 8.33
C LEU A 188 27.80 31.55 6.87
N ALA A 189 26.61 31.95 6.45
CA ALA A 189 26.28 32.03 5.03
C ALA A 189 27.20 32.97 4.25
N GLN A 190 27.48 34.14 4.83
CA GLN A 190 27.95 35.27 3.99
C GLN A 190 29.43 35.15 3.77
N GLN A 191 30.04 34.14 4.42
CA GLN A 191 31.48 33.85 4.38
C GLN A 191 31.79 32.49 3.70
N MET A 192 31.08 32.19 2.59
CA MET A 192 31.05 30.89 1.86
C MET A 192 31.13 31.18 0.38
N SER A 193 31.30 30.16 -0.46
CA SER A 193 31.58 30.36 -1.90
C SER A 193 30.41 31.04 -2.60
N ALA A 194 30.68 32.17 -3.25
CA ALA A 194 29.63 32.97 -3.92
C ALA A 194 28.92 32.30 -5.08
N GLN A 195 29.54 31.23 -5.63
CA GLN A 195 28.87 30.44 -6.67
C GLN A 195 27.59 29.79 -6.11
N ILE A 196 27.65 29.36 -4.87
CA ILE A 196 26.55 28.74 -4.21
C ILE A 196 25.49 29.80 -3.99
N PRO A 197 24.27 29.59 -4.49
CA PRO A 197 23.29 30.70 -4.35
C PRO A 197 22.95 30.98 -2.91
N PRO A 198 22.60 32.23 -2.63
CA PRO A 198 22.26 32.77 -1.28
C PRO A 198 21.30 31.95 -0.38
N ARG A 199 20.27 31.34 -0.94
CA ARG A 199 19.37 30.47 -0.15
C ARG A 199 20.09 29.24 0.31
N GLN A 200 20.84 28.63 -0.60
CA GLN A 200 21.47 27.40 -0.28
C GLN A 200 22.53 27.70 0.79
N ARG A 201 23.00 28.96 0.79
CA ARG A 201 24.12 29.29 1.66
C ARG A 201 23.59 29.31 3.08
N ARG A 202 22.45 29.99 3.19
CA ARG A 202 21.70 30.12 4.38
C ARG A 202 21.33 28.72 4.95
N TRP A 203 20.58 27.95 4.14
CA TRP A 203 20.24 26.56 4.42
C TRP A 203 21.47 25.83 5.05
N LEU A 204 22.64 25.84 4.39
CA LEU A 204 23.84 25.13 4.94
C LEU A 204 24.31 25.65 6.29
N GLY A 205 24.18 26.95 6.54
CA GLY A 205 24.52 27.46 7.85
C GLY A 205 23.57 26.87 8.86
N LEU A 206 22.24 27.01 8.64
CA LEU A 206 21.32 26.21 9.43
C LEU A 206 21.82 24.79 9.56
N GLN A 207 22.48 24.20 8.58
CA GLN A 207 22.72 22.74 8.72
C GLN A 207 23.89 22.49 9.63
N MET A 208 24.98 23.20 9.34
CA MET A 208 26.10 23.41 10.23
C MET A 208 25.65 23.66 11.60
N LEU A 209 24.87 24.68 11.84
CA LEU A 209 24.46 24.93 13.23
C LEU A 209 23.79 23.70 13.91
N GLU A 210 23.07 22.96 13.08
CA GLU A 210 22.27 21.85 13.53
C GLU A 210 23.16 20.63 13.88
N GLY A 211 24.31 20.51 13.22
CA GLY A 211 25.17 19.39 13.51
C GLY A 211 25.53 18.65 12.27
N ASP A 212 24.95 19.03 11.15
CA ASP A 212 25.25 18.25 9.97
C ASP A 212 26.80 17.96 9.77
N ILE A 213 27.15 16.67 9.63
CA ILE A 213 28.52 16.24 9.45
C ILE A 213 29.11 16.75 8.11
N TYR A 214 28.41 16.55 7.02
CA TYR A 214 29.07 16.58 5.73
C TYR A 214 28.84 17.91 4.98
N SER A 215 28.49 18.92 5.76
CA SER A 215 27.99 20.22 5.28
C SER A 215 29.15 21.22 5.35
N ARG A 216 29.91 20.99 6.46
CA ARG A 216 31.19 21.58 6.72
C ARG A 216 32.05 21.61 5.44
N ALA A 217 32.07 20.50 4.65
CA ALA A 217 32.76 20.50 3.32
C ALA A 217 32.24 21.46 2.20
N TYR A 218 31.05 22.06 2.30
CA TYR A 218 30.71 23.00 1.26
C TYR A 218 31.00 24.40 1.73
N ALA A 219 31.30 24.54 3.00
CA ALA A 219 31.21 25.89 3.52
C ALA A 219 32.34 26.82 3.16
N GLY A 220 33.58 26.33 3.20
CA GLY A 220 34.81 27.11 3.02
C GLY A 220 35.15 27.94 4.24
N ASP A 221 34.28 27.92 5.20
CA ASP A 221 34.53 28.48 6.58
C ASP A 221 33.80 27.66 7.62
N ALA A 222 34.24 26.43 7.88
CA ALA A 222 33.87 25.62 9.05
C ALA A 222 35.03 25.68 10.06
N ALA A 223 36.15 26.18 9.54
CA ALA A 223 37.14 26.76 10.39
C ALA A 223 36.34 27.61 11.41
N ASP A 224 35.15 28.13 11.01
CA ASP A 224 34.32 29.17 11.75
C ASP A 224 32.98 28.82 12.49
N LYS A 225 32.59 27.55 12.58
CA LYS A 225 31.35 27.19 13.32
C LYS A 225 31.47 27.24 14.83
N LEU A 226 32.62 26.81 15.35
CA LEU A 226 32.80 26.70 16.81
C LEU A 226 32.41 27.98 17.53
N ASP A 227 32.73 29.13 16.92
CA ASP A 227 32.32 30.45 17.42
C ASP A 227 30.84 30.80 17.12
N ILE A 228 30.30 30.37 15.99
CA ILE A 228 28.86 30.58 15.80
C ILE A 228 28.10 30.00 17.01
N ALA A 229 28.48 28.77 17.42
CA ALA A 229 27.73 28.01 18.45
C ALA A 229 27.93 28.66 19.79
N LEU A 230 29.11 29.19 20.00
CA LEU A 230 29.42 29.87 21.28
C LEU A 230 28.63 31.22 21.51
N ALA A 231 28.64 32.07 20.46
CA ALA A 231 27.76 33.26 20.40
C ALA A 231 26.27 32.90 20.69
N ASN A 232 25.83 31.69 20.29
CA ASN A 232 24.51 31.19 20.66
C ASN A 232 24.40 30.64 22.10
N LEU A 233 25.48 30.31 22.83
CA LEU A 233 25.31 29.62 24.17
C LEU A 233 24.51 30.45 25.19
N SER A 234 24.72 31.76 25.18
CA SER A 234 23.76 32.73 25.73
C SER A 234 22.33 32.62 25.25
N ASP A 235 22.02 32.81 24.02
CA ASP A 235 20.76 33.08 23.37
C ASP A 235 19.82 31.92 23.22
N GLU A 236 19.92 31.20 22.13
CA GLU A 236 18.63 30.17 22.10
C GLU A 236 19.48 28.93 22.43
N ILE A 237 19.60 28.86 23.74
CA ILE A 237 20.80 28.51 24.43
C ILE A 237 21.08 27.07 24.14
N ASP A 238 20.54 26.21 25.01
CA ASP A 238 21.06 24.85 25.25
C ASP A 238 21.41 24.25 23.90
N ASP A 239 20.38 24.31 23.02
CA ASP A 239 20.29 23.36 21.94
C ASP A 239 19.75 23.92 20.61
N PRO A 240 20.64 24.46 19.75
CA PRO A 240 20.34 24.81 18.33
C PRO A 240 19.68 23.67 17.52
N ALA A 241 20.26 22.48 17.54
CA ALA A 241 19.68 21.31 16.90
C ALA A 241 18.24 20.97 17.34
N LEU A 242 17.92 21.21 18.60
CA LEU A 242 16.55 21.01 18.98
C LEU A 242 15.71 22.05 18.18
N HIS A 243 15.88 23.32 18.49
CA HIS A 243 14.99 24.34 17.99
C HIS A 243 14.95 24.40 16.46
N ILE A 244 16.05 24.08 15.81
CA ILE A 244 16.06 23.91 14.40
C ILE A 244 14.99 22.83 13.89
N ALA A 245 15.14 21.59 14.33
CA ALA A 245 14.19 20.53 14.03
C ALA A 245 12.76 20.90 14.46
N ASP A 246 12.65 21.41 15.68
CA ASP A 246 11.34 21.65 16.13
C ASP A 246 10.56 22.56 15.16
N ALA A 247 11.28 23.55 14.64
CA ALA A 247 10.62 24.48 13.80
C ALA A 247 10.15 23.76 12.53
N ARG A 248 11.00 23.08 11.79
CA ARG A 248 10.52 22.21 10.74
C ARG A 248 9.41 21.27 11.14
N TYR A 249 9.55 20.55 12.23
CA TYR A 249 8.44 19.67 12.54
C TYR A 249 7.16 20.47 12.80
N GLN A 250 7.18 21.67 13.31
CA GLN A 250 5.87 22.26 13.67
C GLN A 250 5.30 22.67 12.35
N THR A 251 6.19 23.16 11.45
CA THR A 251 5.75 23.57 10.14
C THR A 251 4.95 22.43 9.47
N ILE A 252 5.52 21.25 9.50
CA ILE A 252 5.06 20.12 8.70
C ILE A 252 3.83 19.64 9.42
N ALA A 253 3.91 19.58 10.76
CA ALA A 253 2.74 19.31 11.62
C ALA A 253 1.53 20.17 11.26
N ALA A 254 1.74 21.48 11.04
CA ALA A 254 0.64 22.44 10.78
C ALA A 254 0.04 22.23 9.42
N ILE A 255 0.92 22.10 8.41
CA ILE A 255 0.53 21.71 7.07
C ILE A 255 -0.31 20.45 7.10
N CYS A 256 0.24 19.38 7.63
CA CYS A 256 -0.49 18.09 7.57
C CYS A 256 -1.90 18.21 8.12
N ASP A 257 -2.10 19.05 9.14
CA ASP A 257 -3.37 19.23 9.84
C ASP A 257 -4.31 20.18 9.02
N ALA A 258 -3.85 21.33 8.56
CA ALA A 258 -4.60 22.06 7.53
C ALA A 258 -5.24 21.16 6.46
N VAL A 259 -4.53 20.11 6.08
CA VAL A 259 -4.87 19.49 4.78
C VAL A 259 -5.30 18.07 4.75
N SER A 260 -5.11 17.33 5.82
CA SER A 260 -5.61 15.95 5.93
C SER A 260 -6.92 15.87 6.68
N ASN A 261 -7.90 15.21 6.07
CA ASN A 261 -9.22 14.92 6.69
C ASN A 261 -9.19 13.70 7.70
N MET B 1 -0.43 -33.95 -17.56
CA MET B 1 -0.89 -32.62 -17.08
C MET B 1 -2.35 -32.68 -16.88
N GLN B 2 -2.78 -32.49 -15.63
CA GLN B 2 -4.21 -32.50 -15.35
C GLN B 2 -4.71 -31.07 -15.44
N LYS B 3 -6.01 -30.93 -15.31
CA LYS B 3 -6.70 -29.66 -15.52
C LYS B 3 -7.37 -29.21 -14.20
N LEU B 4 -7.11 -27.97 -13.76
CA LEU B 4 -7.55 -27.48 -12.53
C LEU B 4 -8.49 -26.34 -12.85
N THR B 5 -9.78 -26.45 -12.57
CA THR B 5 -10.61 -25.22 -12.47
C THR B 5 -10.41 -24.46 -11.08
N VAL B 6 -10.00 -23.19 -11.11
CA VAL B 6 -9.67 -22.40 -9.93
C VAL B 6 -10.47 -21.11 -10.02
N GLY B 7 -11.33 -20.80 -9.04
CA GLY B 7 -11.80 -19.46 -8.89
C GLY B 7 -10.96 -18.57 -7.98
N LEU B 8 -10.97 -17.28 -8.33
CA LEU B 8 -10.29 -16.22 -7.62
C LEU B 8 -11.35 -15.19 -7.05
N ILE B 9 -11.17 -14.96 -5.74
CA ILE B 9 -12.18 -14.24 -4.97
C ILE B 9 -11.43 -13.61 -3.81
N GLY B 10 -11.82 -12.37 -3.58
CA GLY B 10 -11.31 -11.51 -2.49
C GLY B 10 -12.25 -10.28 -2.33
N ASN B 11 -12.14 -9.58 -1.19
CA ASN B 11 -12.70 -8.28 -0.97
C ASN B 11 -12.24 -7.37 -2.07
N PRO B 12 -13.11 -6.39 -2.38
CA PRO B 12 -12.79 -5.30 -3.27
C PRO B 12 -11.50 -4.69 -2.72
N ASN B 13 -10.57 -4.40 -3.65
CA ASN B 13 -9.34 -3.65 -3.39
C ASN B 13 -8.33 -4.48 -2.64
N SER B 14 -8.32 -5.81 -2.91
CA SER B 14 -7.27 -6.75 -2.32
C SER B 14 -6.14 -6.96 -3.28
N GLY B 15 -6.43 -6.66 -4.55
CA GLY B 15 -5.47 -6.66 -5.67
C GLY B 15 -5.80 -7.76 -6.62
N LYS B 16 -7.09 -8.11 -6.70
CA LYS B 16 -7.38 -9.39 -7.34
C LYS B 16 -6.95 -9.32 -8.81
N THR B 17 -7.28 -8.16 -9.37
CA THR B 17 -6.91 -7.77 -10.73
C THR B 17 -5.43 -7.74 -10.97
N THR B 18 -4.71 -7.17 -10.04
CA THR B 18 -3.27 -7.23 -10.11
C THR B 18 -2.81 -8.75 -10.06
N LEU B 19 -3.44 -9.57 -9.26
CA LEU B 19 -2.86 -10.88 -9.18
C LEU B 19 -3.40 -11.73 -10.33
N PHE B 20 -4.60 -11.36 -10.78
CA PHE B 20 -5.15 -12.04 -11.93
C PHE B 20 -4.24 -11.84 -13.16
N ASN B 21 -3.66 -10.65 -13.34
CA ASN B 21 -2.92 -10.43 -14.58
C ASN B 21 -1.58 -11.15 -14.47
N GLN B 22 -1.10 -11.41 -13.26
CA GLN B 22 0.27 -11.89 -13.09
C GLN B 22 0.23 -13.39 -13.42
N LEU B 23 -0.70 -14.14 -12.81
CA LEU B 23 -1.04 -15.45 -13.24
C LEU B 23 -1.21 -15.59 -14.75
N THR B 24 -2.23 -14.94 -15.35
CA THR B 24 -2.59 -15.20 -16.74
C THR B 24 -1.78 -14.44 -17.78
N GLY B 25 -1.27 -13.23 -17.45
CA GLY B 25 -0.60 -12.46 -18.56
C GLY B 25 -1.52 -12.23 -19.82
N ALA B 26 -1.04 -12.49 -21.04
CA ALA B 26 -1.83 -12.18 -22.20
C ALA B 26 -2.92 -13.24 -22.32
N ARG B 27 -2.73 -14.37 -21.66
CA ARG B 27 -3.74 -15.41 -21.75
C ARG B 27 -5.05 -15.22 -20.93
N GLN B 28 -5.86 -14.26 -21.41
CA GLN B 28 -7.18 -13.92 -20.76
C GLN B 28 -8.15 -13.30 -21.71
N ARG B 29 -9.44 -13.56 -21.56
CA ARG B 29 -10.42 -12.86 -22.36
C ARG B 29 -11.41 -12.42 -21.40
N VAL B 30 -12.29 -11.57 -21.90
CA VAL B 30 -13.52 -11.24 -21.28
C VAL B 30 -14.57 -12.17 -21.89
N GLY B 31 -15.32 -12.94 -21.05
CA GLY B 31 -16.51 -13.72 -21.49
C GLY B 31 -17.86 -13.21 -21.08
N ASN B 32 -18.92 -13.99 -21.28
CA ASN B 32 -20.26 -13.76 -20.59
C ASN B 32 -20.19 -14.36 -19.24
N TRP B 33 -21.32 -14.82 -18.56
CA TRP B 33 -20.64 -15.52 -17.42
C TRP B 33 -20.93 -17.03 -17.70
N ALA B 34 -22.18 -17.25 -17.80
CA ALA B 34 -23.05 -18.31 -18.26
C ALA B 34 -24.50 -17.76 -18.27
N GLY B 35 -24.88 -17.42 -17.02
CA GLY B 35 -25.77 -16.28 -16.68
C GLY B 35 -25.22 -15.17 -17.61
N VAL B 36 -25.82 -15.13 -18.76
CA VAL B 36 -25.11 -14.63 -19.94
C VAL B 36 -24.70 -13.19 -19.89
N THR B 37 -25.61 -12.25 -19.89
CA THR B 37 -25.40 -10.80 -20.12
C THR B 37 -24.32 -10.33 -19.17
N VAL B 38 -24.19 -11.07 -18.05
CA VAL B 38 -23.11 -10.58 -17.16
C VAL B 38 -21.68 -10.82 -17.60
N GLU B 39 -20.60 -9.94 -17.61
CA GLU B 39 -19.22 -10.22 -18.11
C GLU B 39 -18.28 -10.64 -16.98
N ARG B 40 -17.48 -11.68 -17.21
CA ARG B 40 -16.43 -12.24 -16.28
C ARG B 40 -15.14 -12.39 -17.05
N LYS B 41 -14.03 -12.29 -16.35
CA LYS B 41 -12.73 -12.61 -16.94
C LYS B 41 -12.31 -14.00 -16.62
N GLU B 42 -11.78 -14.70 -17.66
CA GLU B 42 -11.11 -16.01 -17.58
C GLU B 42 -9.81 -16.03 -18.34
N GLY B 43 -8.81 -16.76 -17.86
CA GLY B 43 -7.52 -16.79 -18.50
C GLY B 43 -7.00 -18.13 -18.16
N ILE B 44 -5.78 -18.42 -18.61
CA ILE B 44 -5.25 -19.75 -18.37
C ILE B 44 -3.84 -19.59 -18.04
N PHE B 45 -3.27 -20.52 -17.30
CA PHE B 45 -1.82 -20.57 -17.22
C PHE B 45 -1.53 -21.99 -16.84
N ALA B 46 -0.30 -22.26 -16.48
CA ALA B 46 0.04 -23.67 -16.10
C ALA B 46 1.17 -23.73 -15.03
N THR B 47 0.92 -24.53 -14.00
CA THR B 47 1.91 -24.82 -12.96
C THR B 47 2.71 -26.06 -13.42
N THR B 48 3.89 -26.31 -12.82
CA THR B 48 4.53 -27.66 -12.97
C THR B 48 3.55 -28.85 -13.16
N ASP B 49 2.58 -29.08 -12.29
CA ASP B 49 1.66 -30.26 -12.49
C ASP B 49 0.28 -29.97 -13.17
N HIS B 50 -0.10 -28.71 -13.52
CA HIS B 50 -1.56 -28.43 -13.85
C HIS B 50 -1.77 -27.37 -14.91
N GLN B 51 -2.89 -27.48 -15.61
CA GLN B 51 -3.22 -26.48 -16.72
C GLN B 51 -4.35 -25.72 -16.17
N VAL B 52 -4.13 -24.48 -15.77
CA VAL B 52 -5.17 -23.91 -15.00
C VAL B 52 -6.05 -22.99 -15.86
N THR B 53 -7.36 -23.15 -15.71
CA THR B 53 -8.37 -22.26 -16.19
C THR B 53 -8.69 -21.29 -15.00
N LEU B 54 -8.42 -19.95 -15.12
CA LEU B 54 -8.58 -19.07 -13.92
C LEU B 54 -9.88 -18.31 -14.12
N VAL B 55 -10.86 -18.51 -13.23
CA VAL B 55 -12.09 -17.71 -13.12
C VAL B 55 -12.06 -16.56 -12.10
N ASP B 56 -12.04 -15.35 -12.61
CA ASP B 56 -12.15 -14.20 -11.73
C ASP B 56 -13.60 -14.04 -11.25
N LEU B 57 -13.81 -14.14 -9.93
CA LEU B 57 -15.11 -13.91 -9.31
C LEU B 57 -15.19 -12.46 -8.85
N PRO B 58 -16.42 -11.85 -8.88
CA PRO B 58 -16.62 -10.37 -8.57
C PRO B 58 -16.22 -10.16 -7.11
N GLY B 59 -15.46 -9.13 -6.80
CA GLY B 59 -15.03 -8.94 -5.42
C GLY B 59 -16.18 -8.72 -4.47
N THR B 60 -16.08 -9.26 -3.27
CA THR B 60 -17.15 -9.10 -2.27
C THR B 60 -16.57 -9.20 -0.90
N TYR B 61 -17.30 -8.63 0.08
CA TYR B 61 -16.88 -8.65 1.49
C TYR B 61 -17.36 -9.85 2.17
N SER B 62 -18.41 -10.44 1.60
CA SER B 62 -19.14 -11.56 2.20
C SER B 62 -20.08 -12.18 1.18
N LEU B 63 -20.19 -13.52 1.20
CA LEU B 63 -21.15 -14.28 0.35
C LEU B 63 -22.67 -14.09 0.66
N THR B 64 -23.08 -14.11 1.94
CA THR B 64 -24.45 -13.63 2.43
C THR B 64 -25.01 -12.25 1.88
N THR B 65 -26.22 -12.20 1.28
CA THR B 65 -27.01 -10.92 0.99
C THR B 65 -28.28 -10.65 1.87
N ILE B 66 -28.75 -9.38 1.91
CA ILE B 66 -30.12 -8.88 2.39
C ILE B 66 -30.24 -7.33 2.31
N LEU B 72 -26.11 -8.77 -7.39
CA LEU B 72 -25.57 -9.89 -8.18
C LEU B 72 -24.11 -10.30 -7.81
N ASP B 73 -23.39 -9.47 -7.03
CA ASP B 73 -22.00 -9.79 -6.71
C ASP B 73 -21.89 -10.94 -5.71
N GLU B 74 -22.44 -10.81 -4.50
CA GLU B 74 -22.71 -12.03 -3.69
C GLU B 74 -23.45 -13.10 -4.53
N GLN B 75 -24.39 -12.67 -5.41
CA GLN B 75 -25.27 -13.57 -6.16
C GLN B 75 -24.51 -14.48 -7.12
N ILE B 76 -23.83 -13.87 -8.11
CA ILE B 76 -23.02 -14.63 -9.04
C ILE B 76 -21.87 -15.36 -8.28
N ALA B 77 -21.41 -14.77 -7.17
CA ALA B 77 -20.31 -15.38 -6.40
C ALA B 77 -20.72 -16.73 -5.87
N CYS B 78 -21.51 -16.73 -4.80
CA CYS B 78 -22.24 -17.91 -4.28
C CYS B 78 -22.70 -18.92 -5.35
N HIS B 79 -23.57 -18.51 -6.28
CA HIS B 79 -24.05 -19.48 -7.26
C HIS B 79 -22.88 -20.34 -7.80
N TYR B 80 -21.75 -19.69 -7.96
CA TYR B 80 -20.62 -20.33 -8.61
C TYR B 80 -19.85 -21.21 -7.66
N ILE B 81 -19.60 -20.73 -6.46
CA ILE B 81 -18.75 -21.54 -5.61
C ILE B 81 -19.52 -22.77 -5.20
N LEU B 82 -20.83 -22.61 -5.20
CA LEU B 82 -21.63 -23.73 -4.85
C LEU B 82 -21.85 -24.61 -6.05
N SER B 83 -21.67 -24.09 -7.29
CA SER B 83 -21.72 -25.01 -8.46
C SER B 83 -20.71 -26.20 -8.23
N GLY B 84 -19.59 -25.96 -7.52
CA GLY B 84 -18.48 -26.97 -7.53
C GLY B 84 -17.74 -27.14 -8.87
N ASP B 85 -17.97 -26.26 -9.88
CA ASP B 85 -17.14 -26.18 -11.08
C ASP B 85 -15.71 -26.03 -10.70
N ALA B 86 -15.48 -25.00 -9.90
CA ALA B 86 -14.20 -24.79 -9.26
C ALA B 86 -13.74 -25.99 -8.47
N ASP B 87 -12.47 -26.36 -8.53
CA ASP B 87 -11.85 -27.42 -7.74
C ASP B 87 -11.06 -26.88 -6.53
N MET B 88 -10.77 -25.55 -6.56
CA MET B 88 -9.91 -24.77 -5.62
C MET B 88 -10.38 -23.32 -5.58
N LEU B 89 -10.11 -22.62 -4.49
CA LEU B 89 -10.31 -21.22 -4.66
C LEU B 89 -8.96 -20.65 -4.30
N ILE B 90 -8.61 -19.55 -5.06
CA ILE B 90 -7.57 -18.57 -4.61
C ILE B 90 -8.31 -17.44 -3.99
N ASN B 91 -7.91 -17.23 -2.74
CA ASN B 91 -8.55 -16.28 -1.89
C ASN B 91 -7.55 -15.16 -1.63
N VAL B 92 -7.78 -14.04 -2.32
CA VAL B 92 -6.76 -12.95 -2.27
C VAL B 92 -7.06 -12.13 -1.05
N VAL B 93 -6.19 -12.08 -0.12
CA VAL B 93 -6.49 -11.30 1.07
C VAL B 93 -5.50 -10.12 1.28
N ASP B 94 -6.00 -8.96 1.71
CA ASP B 94 -5.21 -7.72 1.92
C ASP B 94 -4.48 -7.86 3.23
N ALA B 95 -3.20 -8.08 3.22
CA ALA B 95 -2.56 -8.32 4.58
C ALA B 95 -2.68 -7.02 5.41
N SER B 96 -2.93 -5.90 4.72
CA SER B 96 -2.99 -4.67 5.47
C SER B 96 -4.29 -4.40 6.29
N ASN B 97 -5.36 -5.19 6.13
CA ASN B 97 -6.70 -5.10 6.73
C ASN B 97 -7.19 -6.52 6.90
N LEU B 98 -6.42 -7.32 7.59
CA LEU B 98 -6.67 -8.72 7.78
C LEU B 98 -8.02 -9.01 8.34
N GLU B 99 -8.34 -8.58 9.57
CA GLU B 99 -9.72 -8.85 10.15
C GLU B 99 -10.97 -8.43 9.32
N ARG B 100 -10.85 -7.39 8.46
CA ARG B 100 -11.96 -7.09 7.58
C ARG B 100 -11.96 -8.13 6.48
N ASN B 101 -10.77 -8.48 6.00
CA ASN B 101 -10.72 -9.43 4.86
C ASN B 101 -11.04 -10.89 5.25
N LEU B 102 -10.66 -11.30 6.50
CA LEU B 102 -10.80 -12.74 6.95
C LEU B 102 -12.26 -13.22 7.02
N TYR B 103 -13.20 -12.29 6.93
CA TYR B 103 -14.53 -12.68 7.05
C TYR B 103 -15.01 -13.44 5.88
N LEU B 104 -14.68 -13.00 4.67
CA LEU B 104 -14.88 -13.87 3.52
C LEU B 104 -14.01 -15.18 3.61
N THR B 105 -12.72 -15.09 3.92
CA THR B 105 -11.96 -16.33 4.09
C THR B 105 -12.72 -17.41 4.88
N LEU B 106 -13.26 -17.01 6.01
CA LEU B 106 -13.88 -17.92 6.93
C LEU B 106 -15.14 -18.52 6.37
N GLN B 107 -15.92 -17.74 5.64
CA GLN B 107 -17.06 -18.26 5.00
C GLN B 107 -16.58 -19.29 3.95
N LEU B 108 -15.61 -18.91 3.11
CA LEU B 108 -15.10 -19.96 2.25
C LEU B 108 -14.64 -21.19 3.12
N LEU B 109 -13.94 -20.96 4.21
CA LEU B 109 -13.48 -22.15 4.81
C LEU B 109 -14.66 -22.98 5.37
N GLU B 110 -15.79 -22.36 5.65
CA GLU B 110 -16.71 -23.19 6.41
C GLU B 110 -17.36 -24.15 5.45
N LEU B 111 -17.17 -23.87 4.19
CA LEU B 111 -17.83 -24.53 3.15
C LEU B 111 -16.98 -25.67 2.81
N GLY B 112 -15.68 -25.52 3.03
CA GLY B 112 -14.77 -26.67 2.97
C GLY B 112 -14.24 -26.92 1.57
N ILE B 113 -14.63 -26.03 0.61
CA ILE B 113 -13.82 -25.89 -0.66
C ILE B 113 -12.31 -25.80 -0.46
N PRO B 114 -11.55 -26.68 -1.11
CA PRO B 114 -10.05 -26.62 -0.92
C PRO B 114 -9.53 -25.26 -1.36
N CYS B 115 -8.51 -24.77 -0.65
CA CYS B 115 -8.29 -23.39 -0.61
C CYS B 115 -6.92 -23.01 -0.34
N VAL B 116 -6.43 -22.10 -1.20
CA VAL B 116 -5.22 -21.31 -0.97
C VAL B 116 -5.45 -19.75 -0.77
N VAL B 117 -4.85 -19.24 0.34
CA VAL B 117 -4.90 -17.82 0.62
C VAL B 117 -3.75 -17.05 0.04
N ALA B 118 -4.07 -16.01 -0.69
CA ALA B 118 -3.00 -15.28 -1.32
C ALA B 118 -2.93 -14.10 -0.45
N LEU B 119 -1.99 -14.07 0.49
CA LEU B 119 -1.89 -13.02 1.48
C LEU B 119 -1.08 -12.01 0.79
N ASN B 120 -1.78 -11.03 0.21
CA ASN B 120 -1.14 -10.08 -0.68
C ASN B 120 -0.94 -8.80 -0.01
N MET B 121 -0.22 -7.87 -0.67
CA MET B 121 -0.09 -6.48 -0.08
C MET B 121 0.67 -6.59 1.29
N LEU B 122 1.66 -7.46 1.42
CA LEU B 122 2.40 -7.54 2.67
C LEU B 122 3.19 -6.32 2.78
N ASP B 123 3.43 -5.68 1.65
CA ASP B 123 4.37 -4.54 1.79
C ASP B 123 3.64 -3.34 2.37
N ILE B 124 2.38 -3.24 2.07
CA ILE B 124 1.54 -2.33 2.79
C ILE B 124 1.47 -2.77 4.29
N ALA B 125 1.09 -4.01 4.63
CA ALA B 125 1.22 -4.44 6.02
C ALA B 125 2.47 -3.85 6.65
N GLU B 126 3.67 -4.32 6.29
CA GLU B 126 4.94 -3.81 6.78
C GLU B 126 5.08 -2.30 6.94
N LYS B 127 4.47 -1.54 5.89
CA LYS B 127 4.42 -0.11 5.97
C LYS B 127 3.64 0.45 7.13
N GLN B 128 2.59 -0.33 7.58
CA GLN B 128 1.70 0.02 8.64
C GLN B 128 2.02 -0.58 10.00
N GLN B 129 2.93 -1.51 10.04
CA GLN B 129 3.65 -2.05 11.17
C GLN B 129 2.94 -3.23 11.81
N VAL B 130 2.18 -3.85 10.90
CA VAL B 130 1.61 -5.21 11.08
C VAL B 130 2.78 -6.20 10.83
N ARG B 131 3.06 -7.12 11.67
CA ARG B 131 3.86 -8.29 11.22
C ARG B 131 3.12 -9.60 11.44
N ILE B 132 2.53 -10.18 10.39
CA ILE B 132 1.70 -11.41 10.44
C ILE B 132 2.59 -12.70 10.61
N ASP B 133 2.27 -13.59 11.57
CA ASP B 133 2.87 -14.93 11.55
C ASP B 133 2.11 -15.90 10.61
N ILE B 134 2.70 -16.15 9.46
CA ILE B 134 2.00 -16.78 8.35
C ILE B 134 1.72 -18.29 8.56
N ASP B 135 2.68 -18.99 9.16
CA ASP B 135 2.50 -20.41 9.49
C ASP B 135 1.40 -20.61 10.48
N ALA B 136 1.35 -19.72 11.48
CA ALA B 136 0.32 -19.67 12.53
C ALA B 136 -1.00 -19.27 11.95
N LEU B 137 -1.03 -18.26 11.06
CA LEU B 137 -2.32 -18.08 10.36
C LEU B 137 -2.73 -19.34 9.60
N ALA B 138 -1.84 -19.91 8.79
CA ALA B 138 -2.13 -21.14 8.05
C ALA B 138 -2.61 -22.29 8.95
N ALA B 139 -1.89 -22.48 10.08
CA ALA B 139 -2.31 -23.47 11.10
C ALA B 139 -3.69 -23.09 11.69
N ARG B 140 -3.96 -21.84 12.01
CA ARG B 140 -5.36 -21.44 12.38
C ARG B 140 -6.37 -21.62 11.28
N LEU B 141 -5.98 -21.42 10.03
CA LEU B 141 -7.03 -21.48 8.95
C LEU B 141 -7.28 -22.83 8.42
N GLY B 142 -6.25 -23.65 8.50
CA GLY B 142 -6.26 -24.94 7.84
C GLY B 142 -6.01 -25.10 6.33
N CYS B 143 -5.28 -24.18 5.70
CA CYS B 143 -5.09 -24.26 4.25
C CYS B 143 -3.89 -23.42 4.18
N PRO B 144 -3.12 -23.54 3.11
CA PRO B 144 -1.91 -22.71 3.05
C PRO B 144 -2.23 -21.22 2.85
N VAL B 145 -1.28 -20.44 3.27
CA VAL B 145 -1.28 -19.03 3.17
C VAL B 145 0.03 -18.65 2.48
N ILE B 146 -0.06 -18.02 1.31
CA ILE B 146 1.15 -17.65 0.50
C ILE B 146 1.36 -16.15 0.56
N PRO B 147 2.55 -15.70 0.97
CA PRO B 147 2.78 -14.31 1.07
C PRO B 147 2.98 -13.66 -0.33
N LEU B 148 2.21 -12.61 -0.64
CA LEU B 148 2.25 -12.03 -2.03
C LEU B 148 2.40 -10.56 -2.06
N VAL B 149 3.26 -10.07 -2.96
CA VAL B 149 3.23 -8.67 -3.37
C VAL B 149 2.97 -8.67 -4.86
N SER B 150 1.65 -8.59 -5.17
CA SER B 150 1.19 -8.83 -6.55
C SER B 150 1.79 -7.83 -7.48
N THR B 151 2.19 -6.66 -6.97
CA THR B 151 2.71 -5.65 -7.93
C THR B 151 4.05 -5.98 -8.29
N ARG B 152 4.88 -6.42 -7.39
CA ARG B 152 6.26 -6.78 -7.78
C ARG B 152 6.28 -8.16 -8.38
N GLY B 153 5.29 -9.00 -8.01
CA GLY B 153 5.23 -10.30 -8.74
C GLY B 153 5.87 -11.33 -7.76
N ARG B 154 6.05 -10.74 -6.57
CA ARG B 154 6.56 -11.55 -5.43
C ARG B 154 5.54 -12.59 -4.93
N GLY B 155 5.99 -13.88 -4.93
CA GLY B 155 5.15 -15.04 -4.46
C GLY B 155 4.32 -15.73 -5.51
N ILE B 156 4.44 -15.29 -6.75
CA ILE B 156 3.66 -15.93 -7.79
C ILE B 156 4.02 -17.42 -7.96
N GLU B 157 5.30 -17.75 -8.15
CA GLU B 157 5.75 -19.13 -8.22
C GLU B 157 5.33 -19.95 -7.03
N ALA B 158 5.70 -19.55 -5.84
CA ALA B 158 5.09 -20.20 -4.62
C ALA B 158 3.57 -20.48 -4.62
N LEU B 159 2.78 -19.50 -5.10
CA LEU B 159 1.34 -19.61 -5.16
C LEU B 159 1.08 -20.78 -6.01
N LYS B 160 1.56 -20.75 -7.24
CA LYS B 160 1.48 -21.96 -8.12
C LYS B 160 1.82 -23.31 -7.48
N ILE B 161 2.96 -23.41 -6.79
CA ILE B 161 3.28 -24.64 -6.07
C ILE B 161 2.15 -25.03 -5.11
N ALA B 162 1.75 -24.10 -4.24
CA ALA B 162 0.54 -24.33 -3.45
C ALA B 162 -0.62 -24.89 -4.26
N LEU B 163 -0.85 -24.41 -5.47
CA LEU B 163 -1.97 -25.08 -6.18
C LEU B 163 -1.80 -26.57 -6.41
N ASP B 164 -0.55 -26.92 -6.75
CA ASP B 164 -0.22 -28.30 -7.12
C ASP B 164 -0.35 -29.06 -5.81
N ARG B 165 0.40 -28.63 -4.80
CA ARG B 165 0.63 -29.42 -3.61
C ARG B 165 -0.57 -29.56 -2.73
N HIS B 166 -1.33 -28.49 -2.55
CA HIS B 166 -2.50 -28.59 -1.71
C HIS B 166 -3.61 -29.49 -2.24
N GLN B 167 -4.10 -30.35 -1.32
CA GLN B 167 -5.25 -31.27 -1.52
C GLN B 167 -6.57 -30.85 -0.89
N ALA B 168 -6.67 -30.90 0.43
CA ALA B 168 -7.95 -30.46 1.06
C ALA B 168 -7.68 -29.69 2.37
N ASN B 169 -8.56 -28.76 2.71
CA ASN B 169 -8.33 -28.02 3.94
C ASN B 169 -8.35 -28.95 5.19
N SER B 170 -7.53 -28.64 6.18
CA SER B 170 -7.78 -29.18 7.52
C SER B 170 -9.23 -28.99 8.00
N ASP B 171 -9.89 -30.12 8.34
CA ASP B 171 -11.27 -30.08 8.88
C ASP B 171 -11.33 -29.73 10.38
N LEU B 172 -11.49 -28.39 10.50
CA LEU B 172 -11.64 -27.69 11.80
C LEU B 172 -12.77 -26.76 11.68
N GLU B 173 -13.99 -26.98 12.26
CA GLU B 173 -14.86 -25.75 11.91
C GLU B 173 -14.24 -24.55 12.46
N LEU B 174 -14.42 -23.32 12.30
CA LEU B 174 -13.47 -22.47 13.14
C LEU B 174 -14.18 -21.76 14.25
N VAL B 175 -15.47 -21.94 14.25
CA VAL B 175 -16.50 -21.13 14.88
C VAL B 175 -17.28 -21.89 15.94
N HIS B 176 -17.15 -21.57 17.22
CA HIS B 176 -18.00 -22.24 18.22
C HIS B 176 -19.34 -21.47 18.27
N TYR B 177 -20.37 -22.01 17.58
CA TYR B 177 -21.80 -21.50 17.51
C TYR B 177 -22.80 -22.00 18.59
N PRO B 178 -23.88 -21.18 18.91
CA PRO B 178 -24.92 -21.57 19.90
C PRO B 178 -25.75 -22.79 19.39
N GLN B 179 -25.78 -23.85 20.21
CA GLN B 179 -26.25 -25.14 19.78
C GLN B 179 -27.74 -25.07 19.40
N PRO B 180 -28.55 -24.24 20.10
CA PRO B 180 -29.88 -24.01 19.49
C PRO B 180 -29.91 -23.65 17.99
N LEU B 181 -28.84 -23.03 17.47
CA LEU B 181 -28.69 -22.74 16.02
C LEU B 181 -28.10 -23.93 15.20
N LEU B 182 -27.09 -24.58 15.70
CA LEU B 182 -26.58 -25.75 15.00
C LEU B 182 -27.63 -26.83 14.74
N ARG B 183 -28.67 -26.83 15.56
CA ARG B 183 -29.70 -27.89 15.54
C ARG B 183 -30.81 -27.51 14.57
N GLU B 184 -31.31 -26.29 14.66
CA GLU B 184 -32.16 -25.80 13.58
C GLU B 184 -31.50 -25.95 12.19
N ALA B 185 -30.21 -25.67 12.12
CA ALA B 185 -29.56 -25.66 10.83
C ALA B 185 -29.33 -27.05 10.38
N ASP B 186 -29.28 -27.98 11.33
CA ASP B 186 -28.91 -29.36 11.01
C ASP B 186 -30.08 -30.22 10.65
N LEU B 187 -31.25 -29.59 10.61
CA LEU B 187 -32.51 -30.25 10.31
C LEU B 187 -33.11 -29.33 9.31
N LEU B 188 -32.32 -28.31 8.98
CA LEU B 188 -32.49 -27.60 7.71
C LEU B 188 -31.50 -28.22 6.69
N ALA B 189 -30.35 -28.66 7.21
CA ALA B 189 -29.36 -29.40 6.45
C ALA B 189 -29.90 -30.75 6.04
N GLN B 190 -30.68 -31.37 6.92
CA GLN B 190 -31.16 -32.74 6.70
C GLN B 190 -32.22 -32.84 5.61
N GLN B 191 -32.74 -31.70 5.14
CA GLN B 191 -33.94 -31.57 4.21
C GLN B 191 -33.64 -31.15 2.73
N MET B 192 -32.40 -30.78 2.45
CA MET B 192 -32.02 -30.39 1.09
C MET B 192 -31.36 -31.61 0.44
N SER B 193 -30.95 -31.48 -0.82
CA SER B 193 -30.47 -32.60 -1.67
C SER B 193 -29.21 -33.41 -1.25
N ALA B 194 -29.24 -34.74 -1.35
CA ALA B 194 -28.05 -35.52 -0.99
C ALA B 194 -26.84 -35.23 -1.90
N GLN B 195 -27.10 -34.63 -3.05
CA GLN B 195 -26.04 -34.08 -3.87
C GLN B 195 -25.07 -33.21 -3.06
N ILE B 196 -25.61 -32.13 -2.48
CA ILE B 196 -24.86 -31.19 -1.63
C ILE B 196 -24.17 -31.95 -0.55
N PRO B 197 -22.88 -31.73 -0.38
CA PRO B 197 -22.28 -32.58 0.61
C PRO B 197 -22.64 -32.04 1.95
N PRO B 198 -22.62 -32.90 2.98
CA PRO B 198 -23.22 -32.40 4.21
C PRO B 198 -22.63 -30.99 4.65
N ARG B 199 -21.28 -30.89 4.71
CA ARG B 199 -20.60 -29.63 5.10
C ARG B 199 -21.31 -28.40 4.53
N GLN B 200 -21.66 -28.44 3.26
CA GLN B 200 -22.27 -27.27 2.67
C GLN B 200 -23.67 -27.08 3.18
N ARG B 201 -24.51 -28.13 3.15
CA ARG B 201 -25.87 -28.06 3.62
C ARG B 201 -25.97 -27.45 5.02
N ARG B 202 -25.16 -27.90 5.97
CA ARG B 202 -25.12 -27.20 7.25
C ARG B 202 -24.88 -25.68 7.09
N TRP B 203 -23.96 -25.32 6.19
CA TRP B 203 -23.64 -23.93 5.90
C TRP B 203 -24.85 -23.27 5.32
N LEU B 204 -25.43 -23.91 4.33
CA LEU B 204 -26.66 -23.40 3.74
C LEU B 204 -27.67 -23.23 4.84
N GLY B 205 -27.74 -24.17 5.79
CA GLY B 205 -28.64 -24.05 6.95
C GLY B 205 -28.43 -22.74 7.74
N LEU B 206 -27.20 -22.55 8.26
CA LEU B 206 -26.79 -21.26 8.84
C LEU B 206 -27.18 -20.00 8.02
N GLN B 207 -27.04 -20.04 6.70
CA GLN B 207 -27.27 -18.83 5.98
C GLN B 207 -28.75 -18.43 5.95
N MET B 208 -29.61 -19.44 5.89
CA MET B 208 -31.03 -19.22 5.94
C MET B 208 -31.33 -18.61 7.26
N LEU B 209 -30.83 -19.24 8.33
CA LEU B 209 -31.02 -18.75 9.68
C LEU B 209 -30.48 -17.32 9.79
N GLU B 210 -29.40 -16.98 9.09
CA GLU B 210 -28.88 -15.63 9.24
C GLU B 210 -29.69 -14.71 8.34
N GLY B 211 -30.79 -15.23 7.79
CA GLY B 211 -31.60 -14.43 6.88
C GLY B 211 -31.11 -14.21 5.43
N ASP B 212 -30.23 -15.09 4.93
CA ASP B 212 -29.87 -15.04 3.49
C ASP B 212 -31.06 -15.33 2.47
N ILE B 213 -31.36 -14.37 1.58
CA ILE B 213 -32.35 -14.59 0.55
C ILE B 213 -31.77 -15.59 -0.47
N TYR B 214 -30.98 -15.10 -1.43
CA TYR B 214 -30.32 -15.98 -2.40
C TYR B 214 -30.42 -17.47 -2.00
N SER B 215 -29.85 -17.82 -0.85
CA SER B 215 -29.65 -19.22 -0.41
C SER B 215 -30.89 -20.02 -0.03
N ARG B 216 -32.04 -19.33 0.22
CA ARG B 216 -33.34 -20.03 0.42
C ARG B 216 -33.77 -20.91 -0.82
N ALA B 217 -33.29 -20.52 -2.00
CA ALA B 217 -33.41 -21.28 -3.25
C ALA B 217 -32.34 -22.39 -3.51
N TYR B 218 -31.14 -22.30 -2.95
CA TYR B 218 -30.12 -23.36 -3.21
C TYR B 218 -30.40 -24.54 -2.34
N ALA B 219 -31.55 -24.42 -1.64
CA ALA B 219 -31.89 -25.51 -0.74
C ALA B 219 -33.23 -26.17 -0.84
N GLY B 220 -34.31 -25.37 -1.00
CA GLY B 220 -35.54 -25.67 -0.39
C GLY B 220 -36.77 -26.18 -0.85
N ASP B 221 -36.75 -27.53 -0.79
CA ASP B 221 -37.62 -28.34 -0.07
C ASP B 221 -37.29 -28.07 1.45
N ALA B 222 -36.34 -27.21 1.96
CA ALA B 222 -36.15 -26.94 3.37
C ALA B 222 -36.60 -25.53 3.58
N ALA B 223 -37.12 -24.90 2.54
CA ALA B 223 -37.61 -23.53 2.68
C ALA B 223 -38.94 -23.35 3.46
N ASP B 224 -39.42 -24.36 4.19
CA ASP B 224 -40.28 -24.08 5.32
C ASP B 224 -39.35 -23.69 6.49
N LYS B 225 -39.04 -22.35 6.60
CA LYS B 225 -37.95 -21.74 7.45
C LYS B 225 -38.42 -20.87 8.58
N LEU B 226 -39.55 -20.28 8.39
CA LEU B 226 -40.42 -19.54 9.30
C LEU B 226 -40.91 -20.34 10.52
N ASP B 227 -40.16 -21.37 10.91
CA ASP B 227 -40.38 -22.27 12.00
C ASP B 227 -39.22 -23.09 12.53
N ILE B 228 -38.07 -23.15 11.87
CA ILE B 228 -36.90 -23.62 12.60
C ILE B 228 -36.38 -22.39 13.33
N ALA B 229 -36.74 -21.22 12.74
CA ALA B 229 -36.50 -19.88 13.31
C ALA B 229 -37.51 -19.62 14.41
N LEU B 230 -38.56 -20.43 14.43
CA LEU B 230 -39.56 -20.39 15.50
C LEU B 230 -39.17 -21.28 16.65
N ALA B 231 -38.91 -22.56 16.37
CA ALA B 231 -38.19 -23.39 17.35
C ALA B 231 -37.14 -22.56 18.05
N ASN B 232 -36.61 -21.47 17.47
CA ASN B 232 -35.85 -20.56 18.27
C ASN B 232 -36.38 -19.47 19.08
N LEU B 233 -37.45 -18.79 18.89
CA LEU B 233 -37.93 -17.57 19.62
C LEU B 233 -37.57 -17.45 21.11
N SER B 234 -37.72 -18.58 21.79
CA SER B 234 -37.26 -18.75 23.13
C SER B 234 -36.70 -20.15 23.24
N ASP B 235 -36.00 -20.66 22.19
CA ASP B 235 -35.14 -21.87 22.41
C ASP B 235 -33.82 -21.31 23.02
N GLU B 236 -33.97 -20.06 23.31
CA GLU B 236 -32.90 -19.09 23.72
C GLU B 236 -32.00 -18.86 22.55
N ILE B 237 -32.15 -17.93 21.73
CA ILE B 237 -30.66 -17.51 21.08
C ILE B 237 -31.26 -16.18 20.64
N ASP B 238 -31.09 -15.21 21.45
CA ASP B 238 -31.71 -13.87 21.30
C ASP B 238 -32.03 -13.46 19.85
N ASP B 239 -31.00 -13.33 19.00
CA ASP B 239 -31.15 -12.80 17.65
C ASP B 239 -30.19 -13.52 16.72
N PRO B 240 -30.72 -14.48 15.90
CA PRO B 240 -29.94 -15.51 15.18
C PRO B 240 -28.94 -14.86 14.22
N ALA B 241 -29.41 -13.77 13.58
CA ALA B 241 -28.62 -13.00 12.62
C ALA B 241 -27.38 -12.47 13.31
N LEU B 242 -27.61 -11.85 14.45
CA LEU B 242 -26.53 -11.22 15.16
C LEU B 242 -25.67 -12.30 15.77
N HIS B 243 -26.30 -13.30 16.37
CA HIS B 243 -25.50 -14.32 17.01
C HIS B 243 -24.53 -14.98 16.05
N ILE B 244 -25.05 -15.41 14.89
CA ILE B 244 -24.24 -15.94 13.82
C ILE B 244 -23.09 -14.99 13.60
N ALA B 245 -23.33 -13.71 13.38
CA ALA B 245 -22.23 -12.75 13.10
C ALA B 245 -21.19 -12.78 14.18
N ASP B 246 -21.66 -12.55 15.40
CA ASP B 246 -20.72 -12.40 16.45
C ASP B 246 -19.82 -13.55 16.58
N ALA B 247 -20.33 -14.77 16.44
CA ALA B 247 -19.44 -15.88 16.66
C ALA B 247 -18.44 -16.01 15.58
N ARG B 248 -18.72 -15.58 14.32
CA ARG B 248 -17.59 -15.48 13.32
C ARG B 248 -16.73 -14.28 13.62
N TYR B 249 -17.38 -13.10 13.83
CA TYR B 249 -16.55 -11.92 14.37
C TYR B 249 -15.51 -12.39 15.41
N GLN B 250 -15.96 -13.25 16.29
CA GLN B 250 -15.30 -13.59 17.49
C GLN B 250 -14.03 -14.43 17.13
N THR B 251 -14.25 -15.56 16.44
CA THR B 251 -13.23 -16.31 15.76
C THR B 251 -12.35 -15.43 14.94
N ILE B 252 -12.88 -14.53 14.13
CA ILE B 252 -11.93 -13.77 13.27
C ILE B 252 -10.97 -12.95 14.16
N ALA B 253 -11.44 -12.55 15.32
CA ALA B 253 -10.66 -11.66 16.14
C ALA B 253 -9.65 -12.44 16.90
N ALA B 254 -10.04 -13.61 17.37
CA ALA B 254 -9.05 -14.58 17.91
C ALA B 254 -7.83 -14.85 16.96
N ILE B 255 -8.10 -15.31 15.73
CA ILE B 255 -6.99 -15.53 14.81
C ILE B 255 -6.07 -14.27 14.62
N CYS B 256 -6.65 -13.10 14.27
CA CYS B 256 -5.84 -11.92 14.01
C CYS B 256 -5.05 -11.60 15.19
N ASP B 257 -5.64 -11.58 16.39
CA ASP B 257 -4.78 -11.27 17.51
C ASP B 257 -3.71 -12.33 17.72
N ALA B 258 -3.99 -13.60 17.44
CA ALA B 258 -2.98 -14.62 17.68
C ALA B 258 -1.84 -14.51 16.66
N VAL B 259 -2.13 -13.97 15.50
CA VAL B 259 -1.09 -13.88 14.47
C VAL B 259 -0.48 -12.50 14.12
N SER B 260 -0.81 -11.41 14.82
CA SER B 260 -0.30 -10.06 14.49
C SER B 260 0.41 -9.44 15.65
N ASN B 261 1.45 -8.66 15.39
CA ASN B 261 2.41 -8.23 16.42
C ASN B 261 2.98 -7.04 15.74
N THR B 262 4.10 -6.50 16.27
CA THR B 262 4.63 -5.12 15.98
C THR B 262 3.51 -4.04 15.77
#